data_9KWM
#
_entry.id   9KWM
#
_cell.length_a   110.539
_cell.length_b   110.539
_cell.length_c   279.259
_cell.angle_alpha   90.00
_cell.angle_beta   90.00
_cell.angle_gamma   120.00
#
_symmetry.space_group_name_H-M   'H 3 2'
#
loop_
_entity.id
_entity.type
_entity.pdbx_description
1 polymer 'Liver carboxylesterase 1'
2 non-polymer (1R)-1-(2-chlorophenyl)-2,2,2-tris(fluoranyl)ethanol
3 water water
#
_entity_poly.entity_id   1
_entity_poly.type   'polypeptide(L)'
_entity_poly.pdbx_seq_one_letter_code
;SSPPVVDTVHGKVLGKFVSLEGFAQPVAIFLGIPFAKPPLGPLRFTPPQPAEPWSFVKNATSYPPMCTQDPKAGQLLSEL
FTNRKENIPLKLSEDCLYLNIYTPADLTKKNRLPVMVWIHGGGLMVGAASTYDGLALAAHENVVVVTIQYRLGIWGFFST
GDEHSRGNWGHLDQVAALRWVQDNIASFGGNPGSVTIFGESAGGESVSVLVLSPLAKNLFHRAISESGVALTSVLVKKGD
VKPLAEQIAITAGCKTTTSAVMVHCLRQKTEEELLETTLKMKFLSLDLQGDPRESQPLLGTVIDGMLLLKTPEELQAERN
FHTVPYMVGINKQEFGWLIPMQLMSYPLSEGQLDQKTAMSLLWKSYPLVCIAKELIPEATEKYLGGTDDTVKKKDLFLDL
IADVMFGVPSVIVARNHRDAGAPTYMYEFQYRPSFSSDMKPKTVIGDHGDELFSVFGAPFLKEGASEEEIRLSKMVMKFW
ANFARNGNPNGEGLPHWPEYNQKEGYLQIGANTQAAQKLKDKEVAFWTNLFAK
;
_entity_poly.pdbx_strand_id   A
#
# COMPACT_ATOMS: atom_id res chain seq x y z
N SER A 1 -26.28 -11.44 21.62
CA SER A 1 -26.55 -12.10 20.34
C SER A 1 -27.05 -11.10 19.30
N SER A 2 -28.07 -10.31 19.67
CA SER A 2 -28.83 -9.45 18.77
C SER A 2 -27.91 -8.56 17.93
N PRO A 3 -27.92 -8.71 16.60
CA PRO A 3 -26.88 -8.08 15.78
C PRO A 3 -26.98 -6.57 15.83
N PRO A 4 -25.86 -5.86 15.75
CA PRO A 4 -25.91 -4.39 15.79
C PRO A 4 -26.42 -3.79 14.48
N VAL A 5 -27.17 -2.69 14.60
CA VAL A 5 -27.76 -1.99 13.45
C VAL A 5 -27.44 -0.50 13.58
N VAL A 6 -26.79 0.05 12.57
CA VAL A 6 -26.27 1.41 12.60
C VAL A 6 -26.94 2.22 11.50
N ASP A 7 -27.26 3.48 11.78
CA ASP A 7 -27.78 4.40 10.80
C ASP A 7 -26.64 5.16 10.15
N THR A 8 -26.57 5.14 8.82
CA THR A 8 -25.63 5.94 8.06
C THR A 8 -26.42 6.90 7.18
N VAL A 9 -25.70 7.86 6.60
CA VAL A 9 -26.32 8.90 5.77
C VAL A 9 -27.24 8.26 4.72
N HIS A 10 -26.81 7.15 4.12
CA HIS A 10 -27.52 6.52 3.02
C HIS A 10 -28.49 5.43 3.45
N GLY A 11 -28.51 5.04 4.72
CA GLY A 11 -29.42 3.98 5.15
C GLY A 11 -28.85 3.19 6.32
N LYS A 12 -29.70 2.29 6.81
CA LYS A 12 -29.35 1.44 7.95
C LYS A 12 -28.53 0.24 7.49
N VAL A 13 -27.55 -0.17 8.31
CA VAL A 13 -26.74 -1.34 8.00
C VAL A 13 -26.76 -2.29 9.19
N LEU A 14 -26.78 -3.59 8.90
CA LEU A 14 -26.76 -4.65 9.89
C LEU A 14 -25.39 -5.33 9.84
N GLY A 15 -24.71 -5.40 10.99
CA GLY A 15 -23.44 -6.07 11.10
C GLY A 15 -23.53 -7.35 11.91
N LYS A 16 -22.39 -7.76 12.48
CA LYS A 16 -22.39 -8.95 13.32
C LYS A 16 -21.40 -8.77 14.46
N PHE A 17 -21.66 -9.46 15.58
CA PHE A 17 -20.74 -9.45 16.71
C PHE A 17 -19.75 -10.60 16.58
N VAL A 18 -18.47 -10.31 16.87
CA VAL A 18 -17.43 -11.33 16.94
C VAL A 18 -16.61 -11.05 18.20
N SER A 19 -16.52 -12.05 19.08
CA SER A 19 -15.73 -11.90 20.29
C SER A 19 -14.31 -12.38 20.06
N LEU A 20 -13.37 -11.67 20.68
CA LEU A 20 -11.99 -12.12 20.79
C LEU A 20 -11.81 -12.56 22.23
N GLU A 21 -11.39 -13.82 22.45
CA GLU A 21 -11.21 -14.34 23.81
C GLU A 21 -10.46 -13.35 24.70
N GLY A 22 -11.07 -13.06 25.86
CA GLY A 22 -10.45 -12.22 26.87
C GLY A 22 -10.88 -10.77 26.82
N PHE A 23 -11.60 -10.36 25.78
CA PHE A 23 -12.15 -9.01 25.70
C PHE A 23 -13.66 -9.12 25.93
N ALA A 24 -14.14 -8.39 26.94
CA ALA A 24 -15.54 -8.50 27.34
C ALA A 24 -16.49 -8.02 26.26
N GLN A 25 -16.13 -6.93 25.58
CA GLN A 25 -17.00 -6.31 24.58
C GLN A 25 -16.74 -6.95 23.22
N PRO A 26 -17.72 -7.64 22.63
CA PRO A 26 -17.52 -8.13 21.27
C PRO A 26 -17.30 -6.98 20.30
N VAL A 27 -16.61 -7.27 19.22
CA VAL A 27 -16.35 -6.28 18.19
C VAL A 27 -17.50 -6.34 17.19
N ALA A 28 -18.04 -5.19 16.85
CA ALA A 28 -19.09 -5.07 15.83
C ALA A 28 -18.45 -4.94 14.46
N ILE A 29 -18.77 -5.88 13.56
CA ILE A 29 -18.13 -6.00 12.26
C ILE A 29 -19.16 -5.76 11.15
N PHE A 30 -18.82 -4.89 10.21
CA PHE A 30 -19.69 -4.59 9.07
C PHE A 30 -18.88 -4.82 7.80
N LEU A 31 -19.30 -5.80 7.00
CA LEU A 31 -18.57 -6.19 5.80
C LEU A 31 -19.31 -5.70 4.57
N GLY A 32 -18.58 -5.08 3.64
CA GLY A 32 -19.13 -4.67 2.36
C GLY A 32 -20.11 -3.51 2.41
N ILE A 33 -19.73 -2.42 3.06
CA ILE A 33 -20.54 -1.19 3.01
C ILE A 33 -20.13 -0.43 1.75
N PRO A 34 -21.06 -0.07 0.86
CA PRO A 34 -20.66 0.69 -0.34
C PRO A 34 -20.38 2.13 0.03
N PHE A 35 -19.28 2.67 -0.50
CA PHE A 35 -18.99 4.09 -0.32
C PHE A 35 -19.12 4.87 -1.62
N ALA A 36 -19.44 4.22 -2.73
CA ALA A 36 -19.68 4.89 -4.00
C ALA A 36 -20.72 4.11 -4.81
N LYS A 37 -21.17 4.72 -5.89
CA LYS A 37 -21.99 4.01 -6.84
C LYS A 37 -21.10 3.04 -7.63
N PRO A 38 -21.54 1.81 -7.88
CA PRO A 38 -20.68 0.85 -8.60
C PRO A 38 -20.24 1.39 -9.94
N PRO A 39 -18.93 1.37 -10.24
CA PRO A 39 -18.39 2.11 -11.40
C PRO A 39 -18.47 1.31 -12.71
N LEU A 40 -19.71 0.99 -13.11
CA LEU A 40 -20.02 0.11 -14.22
C LEU A 40 -20.39 0.92 -15.47
N GLY A 41 -20.22 0.29 -16.64
CA GLY A 41 -20.67 0.88 -17.88
C GLY A 41 -19.99 2.21 -18.18
N PRO A 42 -20.80 3.27 -18.39
CA PRO A 42 -20.22 4.59 -18.65
C PRO A 42 -19.44 5.18 -17.46
N LEU A 43 -19.62 4.65 -16.25
CA LEU A 43 -18.84 5.16 -15.12
C LEU A 43 -17.42 4.63 -15.10
N ARG A 44 -17.07 3.67 -15.95
CA ARG A 44 -15.70 3.21 -16.00
C ARG A 44 -14.79 4.36 -16.49
N PHE A 45 -13.62 4.46 -15.87
CA PHE A 45 -12.67 5.55 -16.16
C PHE A 45 -13.25 6.93 -15.87
N THR A 46 -14.11 7.05 -14.86
CA THR A 46 -14.62 8.33 -14.38
C THR A 46 -14.45 8.39 -12.87
N PRO A 47 -14.56 9.57 -12.28
CA PRO A 47 -14.46 9.66 -10.81
C PRO A 47 -15.62 8.96 -10.14
N PRO A 48 -15.42 8.47 -8.92
CA PRO A 48 -16.50 7.78 -8.21
C PRO A 48 -17.64 8.74 -7.87
N GLN A 49 -18.86 8.26 -8.04
CA GLN A 49 -20.02 9.03 -7.65
C GLN A 49 -20.56 8.53 -6.31
N PRO A 50 -21.28 9.38 -5.58
CA PRO A 50 -21.83 8.94 -4.28
C PRO A 50 -22.75 7.73 -4.43
N ALA A 51 -22.73 6.86 -3.42
CA ALA A 51 -23.64 5.73 -3.39
C ALA A 51 -25.10 6.20 -3.34
N GLU A 52 -25.97 5.49 -4.05
CA GLU A 52 -27.41 5.77 -3.97
C GLU A 52 -27.96 5.28 -2.62
N PRO A 53 -28.87 6.05 -1.98
CA PRO A 53 -29.47 5.64 -0.72
C PRO A 53 -30.38 4.40 -0.85
N TRP A 54 -30.51 3.67 0.25
CA TRP A 54 -31.31 2.44 0.27
C TRP A 54 -32.35 2.45 1.39
N SER A 55 -33.50 1.87 1.09
CA SER A 55 -34.56 1.69 2.09
C SER A 55 -34.29 0.47 2.97
N PHE A 56 -34.88 0.43 4.14
CA PHE A 56 -34.78 -0.78 4.99
C PHE A 56 -33.34 -0.97 5.50
N VAL A 57 -33.00 -2.20 5.85
CA VAL A 57 -31.66 -2.44 6.46
C VAL A 57 -30.79 -3.25 5.50
N LYS A 58 -29.61 -2.72 5.18
CA LYS A 58 -28.63 -3.46 4.34
C LYS A 58 -27.89 -4.50 5.19
N ASN A 59 -27.78 -5.70 4.65
CA ASN A 59 -27.12 -6.79 5.35
C ASN A 59 -25.62 -6.68 5.05
N ALA A 60 -24.87 -6.21 6.03
CA ALA A 60 -23.43 -6.04 5.83
C ALA A 60 -22.66 -7.15 6.56
N THR A 61 -22.90 -8.41 6.18
CA THR A 61 -22.25 -9.53 6.86
C THR A 61 -21.57 -10.47 5.89
N SER A 62 -21.38 -10.08 4.63
CA SER A 62 -20.69 -10.89 3.63
C SER A 62 -19.51 -10.10 3.08
N TYR A 63 -18.39 -10.78 2.83
CA TYR A 63 -17.24 -10.09 2.25
C TYR A 63 -17.57 -9.58 0.85
N PRO A 64 -17.21 -8.35 0.53
CA PRO A 64 -17.44 -7.83 -0.84
C PRO A 64 -16.53 -8.51 -1.86
N PRO A 65 -16.86 -8.43 -3.14
CA PRO A 65 -15.89 -8.85 -4.16
C PRO A 65 -14.63 -7.99 -4.05
N MET A 66 -13.53 -8.54 -4.54
CA MET A 66 -12.35 -7.71 -4.77
C MET A 66 -12.36 -7.17 -6.20
N CYS A 67 -11.71 -6.02 -6.39
CA CYS A 67 -11.73 -5.39 -7.71
C CYS A 67 -11.06 -6.29 -8.75
N THR A 68 -11.59 -6.25 -9.99
CA THR A 68 -11.09 -7.15 -11.02
C THR A 68 -9.56 -7.08 -11.13
N GLN A 69 -8.94 -8.25 -11.22
CA GLN A 69 -7.49 -8.39 -11.14
C GLN A 69 -7.15 -9.82 -11.51
N ASP A 70 -5.88 -10.05 -11.79
CA ASP A 70 -5.32 -11.38 -11.99
C ASP A 70 -5.72 -12.23 -10.79
N PRO A 71 -6.62 -13.21 -10.94
CA PRO A 71 -7.11 -13.94 -9.75
C PRO A 71 -6.05 -14.81 -9.09
N LYS A 72 -5.10 -15.32 -9.88
CA LYS A 72 -4.06 -16.15 -9.31
C LYS A 72 -3.10 -15.33 -8.46
N ALA A 73 -2.58 -14.24 -9.04
CA ALA A 73 -1.71 -13.35 -8.27
C ALA A 73 -2.46 -12.72 -7.10
N GLY A 74 -3.73 -12.37 -7.29
CA GLY A 74 -4.50 -11.79 -6.20
C GLY A 74 -4.67 -12.75 -5.04
N GLN A 75 -5.03 -14.00 -5.35
CA GLN A 75 -5.18 -15.00 -4.30
C GLN A 75 -3.83 -15.30 -3.61
N LEU A 76 -2.76 -15.40 -4.39
CA LEU A 76 -1.43 -15.61 -3.81
C LEU A 76 -1.07 -14.51 -2.83
N LEU A 77 -1.20 -13.24 -3.25
CA LEU A 77 -0.84 -12.15 -2.35
C LEU A 77 -1.73 -12.15 -1.09
N SER A 78 -3.03 -12.40 -1.26
CA SER A 78 -3.90 -12.51 -0.09
C SER A 78 -3.40 -13.60 0.87
N GLU A 79 -3.06 -14.78 0.35
CA GLU A 79 -2.51 -15.85 1.20
C GLU A 79 -1.21 -15.43 1.90
N LEU A 80 -0.33 -14.72 1.18
CA LEU A 80 0.95 -14.32 1.78
C LEU A 80 0.79 -13.24 2.84
N PHE A 81 -0.21 -12.36 2.72
CA PHE A 81 -0.34 -11.19 3.59
C PHE A 81 -1.43 -11.31 4.66
N THR A 82 -2.38 -12.24 4.53
CA THR A 82 -3.50 -12.26 5.47
C THR A 82 -3.02 -12.56 6.89
N ASN A 83 -3.67 -11.92 7.86
CA ASN A 83 -3.41 -12.18 9.27
C ASN A 83 -4.39 -13.20 9.86
N ARG A 84 -5.30 -13.75 9.06
CA ARG A 84 -6.27 -14.72 9.54
C ARG A 84 -5.73 -16.13 9.47
N LYS A 85 -6.39 -17.03 10.20
CA LYS A 85 -5.99 -18.44 10.20
C LYS A 85 -6.18 -19.06 8.82
N GLU A 86 -7.32 -18.82 8.17
CA GLU A 86 -7.53 -19.32 6.83
C GLU A 86 -7.79 -18.15 5.88
N ASN A 87 -7.16 -18.19 4.71
CA ASN A 87 -7.36 -17.13 3.73
C ASN A 87 -8.80 -17.27 3.22
N ILE A 88 -9.48 -16.15 3.01
CA ILE A 88 -10.86 -16.14 2.54
C ILE A 88 -10.83 -16.05 1.02
N PRO A 89 -11.39 -17.02 0.30
CA PRO A 89 -11.51 -16.88 -1.16
C PRO A 89 -12.49 -15.76 -1.51
N LEU A 90 -12.14 -14.96 -2.51
CA LEU A 90 -12.95 -13.80 -2.86
C LEU A 90 -13.35 -13.83 -4.33
N LYS A 91 -14.55 -13.34 -4.60
CA LYS A 91 -15.02 -13.16 -5.97
C LYS A 91 -14.40 -11.89 -6.56
N LEU A 92 -14.30 -11.86 -7.88
CA LEU A 92 -13.87 -10.70 -8.65
C LEU A 92 -15.10 -9.93 -9.13
N SER A 93 -15.02 -8.60 -9.10
CA SER A 93 -16.07 -7.83 -9.76
C SER A 93 -15.60 -6.40 -9.99
N GLU A 94 -16.12 -5.78 -11.06
CA GLU A 94 -15.96 -4.34 -11.21
C GLU A 94 -16.74 -3.60 -10.14
N ASP A 95 -17.74 -4.24 -9.55
CA ASP A 95 -18.55 -3.73 -8.46
C ASP A 95 -17.78 -4.03 -7.18
N CYS A 96 -16.87 -3.14 -6.81
CA CYS A 96 -15.97 -3.46 -5.72
C CYS A 96 -15.67 -2.29 -4.78
N LEU A 97 -16.39 -1.16 -4.90
CA LEU A 97 -16.10 0.03 -4.09
C LEU A 97 -16.81 -0.10 -2.76
N TYR A 98 -16.18 -0.88 -1.87
CA TYR A 98 -16.74 -1.23 -0.58
C TYR A 98 -15.67 -1.02 0.48
N LEU A 99 -16.11 -0.88 1.74
CA LEU A 99 -15.18 -0.90 2.86
C LEU A 99 -15.76 -1.78 3.97
N ASN A 100 -14.85 -2.26 4.83
CA ASN A 100 -15.17 -3.11 5.97
C ASN A 100 -14.84 -2.34 7.24
N ILE A 101 -15.65 -2.52 8.29
CA ILE A 101 -15.50 -1.77 9.53
C ILE A 101 -15.45 -2.72 10.72
N TYR A 102 -14.44 -2.54 11.57
CA TYR A 102 -14.25 -3.30 12.81
C TYR A 102 -14.28 -2.28 13.94
N THR A 103 -15.38 -2.20 14.68
CA THR A 103 -15.42 -1.23 15.77
C THR A 103 -15.55 -1.95 17.11
N PRO A 104 -14.63 -1.68 18.04
CA PRO A 104 -14.73 -2.27 19.38
C PRO A 104 -15.67 -1.52 20.31
N ALA A 105 -16.24 -0.41 19.86
CA ALA A 105 -17.09 0.42 20.71
C ALA A 105 -18.39 -0.30 21.04
N ASP A 106 -18.89 -0.08 22.26
CA ASP A 106 -20.23 -0.50 22.63
C ASP A 106 -21.16 0.49 21.98
N LEU A 107 -21.82 0.08 20.91
CA LEU A 107 -22.64 0.98 20.12
C LEU A 107 -23.89 1.44 20.85
N THR A 108 -24.24 0.82 22.00
CA THR A 108 -25.36 1.30 22.80
C THR A 108 -25.00 2.51 23.65
N LYS A 109 -23.72 2.88 23.69
CA LYS A 109 -23.24 4.08 24.37
C LYS A 109 -22.61 4.97 23.32
N LYS A 110 -22.22 6.17 23.73
CA LYS A 110 -21.57 7.07 22.79
C LYS A 110 -20.06 6.90 22.89
N ASN A 111 -19.40 6.87 21.73
CA ASN A 111 -17.97 6.68 21.64
C ASN A 111 -17.42 7.56 20.53
N ARG A 112 -16.19 8.08 20.75
CA ARG A 112 -15.44 8.83 19.74
C ARG A 112 -14.01 8.28 19.68
N LEU A 113 -13.85 7.06 19.18
CA LEU A 113 -12.55 6.41 19.17
C LEU A 113 -11.72 6.85 17.96
N PRO A 114 -10.39 6.82 18.06
CA PRO A 114 -9.58 7.11 16.87
C PRO A 114 -9.87 6.10 15.78
N VAL A 115 -9.76 6.55 14.53
CA VAL A 115 -10.08 5.75 13.36
C VAL A 115 -8.78 5.51 12.59
N MET A 116 -8.53 4.26 12.21
CA MET A 116 -7.40 3.90 11.35
C MET A 116 -7.96 3.29 10.07
N VAL A 117 -7.64 3.92 8.94
CA VAL A 117 -8.14 3.52 7.62
C VAL A 117 -6.98 2.88 6.86
N TRP A 118 -7.11 1.58 6.61
CA TRP A 118 -6.10 0.79 5.94
C TRP A 118 -6.29 0.76 4.43
N ILE A 119 -5.22 1.11 3.70
CA ILE A 119 -5.14 1.03 2.24
C ILE A 119 -4.18 -0.10 1.88
N HIS A 120 -4.75 -1.11 1.27
CA HIS A 120 -4.00 -2.33 0.93
C HIS A 120 -2.97 -2.14 -0.18
N GLY A 121 -1.94 -3.00 -0.19
CA GLY A 121 -0.91 -3.04 -1.22
C GLY A 121 -1.25 -3.97 -2.39
N GLY A 122 -0.28 -4.27 -3.23
CA GLY A 122 -0.57 -5.01 -4.47
C GLY A 122 -0.16 -4.37 -5.79
N GLY A 123 0.65 -3.32 -5.76
CA GLY A 123 1.22 -2.75 -7.00
C GLY A 123 0.22 -1.92 -7.77
N LEU A 124 -0.93 -1.66 -7.15
CA LEU A 124 -2.04 -0.92 -7.80
C LEU A 124 -2.70 -1.86 -8.83
N MET A 125 -2.29 -3.15 -8.84
CA MET A 125 -2.81 -4.15 -9.80
C MET A 125 -3.62 -5.27 -9.14
N VAL A 126 -3.31 -5.58 -7.87
CA VAL A 126 -4.00 -6.67 -7.14
C VAL A 126 -4.24 -6.22 -5.69
N GLY A 127 -4.95 -7.05 -4.92
CA GLY A 127 -5.15 -6.80 -3.51
C GLY A 127 -6.63 -6.69 -3.15
N ALA A 128 -6.88 -6.72 -1.85
CA ALA A 128 -8.25 -6.65 -1.35
C ALA A 128 -8.25 -6.17 0.10
N ALA A 129 -9.33 -5.48 0.47
CA ALA A 129 -9.53 -5.12 1.87
C ALA A 129 -9.71 -6.34 2.77
N SER A 130 -10.47 -7.32 2.31
CA SER A 130 -10.90 -8.46 3.13
C SER A 130 -9.73 -9.35 3.57
N THR A 131 -8.58 -9.20 2.92
CA THR A 131 -7.36 -9.90 3.32
C THR A 131 -7.00 -9.58 4.76
N TYR A 132 -7.31 -8.37 5.22
CA TYR A 132 -6.85 -7.86 6.49
C TYR A 132 -8.01 -7.87 7.48
N ASP A 133 -7.85 -8.66 8.54
CA ASP A 133 -8.88 -8.77 9.56
C ASP A 133 -8.61 -7.72 10.64
N GLY A 134 -9.54 -6.79 10.83
CA GLY A 134 -9.33 -5.73 11.81
C GLY A 134 -9.59 -6.12 13.26
N LEU A 135 -9.98 -7.37 13.52
CA LEU A 135 -10.50 -7.75 14.83
C LEU A 135 -9.48 -7.51 15.94
N ALA A 136 -8.24 -8.01 15.75
CA ALA A 136 -7.24 -7.98 16.81
C ALA A 136 -6.81 -6.56 17.13
N LEU A 137 -6.50 -5.76 16.11
CA LEU A 137 -6.06 -4.39 16.35
C LEU A 137 -7.16 -3.56 17.00
N ALA A 138 -8.41 -3.72 16.52
CA ALA A 138 -9.53 -2.98 17.10
C ALA A 138 -9.69 -3.33 18.58
N ALA A 139 -9.71 -4.61 18.92
CA ALA A 139 -9.94 -4.98 20.31
C ALA A 139 -8.75 -4.62 21.19
N HIS A 140 -7.53 -4.90 20.72
CA HIS A 140 -6.36 -4.68 21.56
C HIS A 140 -6.09 -3.21 21.79
N GLU A 141 -6.39 -2.35 20.83
CA GLU A 141 -5.99 -0.96 21.01
C GLU A 141 -7.16 0.03 21.06
N ASN A 142 -8.41 -0.45 21.09
CA ASN A 142 -9.57 0.45 21.16
C ASN A 142 -9.55 1.50 20.05
N VAL A 143 -9.40 1.04 18.81
CA VAL A 143 -9.50 1.90 17.65
C VAL A 143 -10.50 1.29 16.69
N VAL A 144 -11.15 2.14 15.91
CA VAL A 144 -12.01 1.70 14.82
C VAL A 144 -11.13 1.44 13.60
N VAL A 145 -11.16 0.21 13.08
CA VAL A 145 -10.34 -0.14 11.91
C VAL A 145 -11.25 -0.22 10.70
N VAL A 146 -10.89 0.50 9.64
CA VAL A 146 -11.64 0.55 8.37
C VAL A 146 -10.71 0.05 7.26
N THR A 147 -11.10 -1.01 6.57
CA THR A 147 -10.29 -1.44 5.43
C THR A 147 -11.01 -1.06 4.13
N ILE A 148 -10.32 -0.37 3.21
CA ILE A 148 -11.02 0.15 2.03
C ILE A 148 -10.59 -0.55 0.75
N GLN A 149 -11.45 -0.50 -0.26
CA GLN A 149 -11.08 -0.99 -1.58
C GLN A 149 -11.07 0.18 -2.56
N TYR A 150 -10.41 -0.05 -3.70
CA TYR A 150 -10.24 1.00 -4.72
C TYR A 150 -9.95 0.32 -6.04
N ARG A 151 -10.38 0.97 -7.15
CA ARG A 151 -10.20 0.31 -8.43
C ARG A 151 -8.71 0.08 -8.73
N LEU A 152 -8.42 -1.02 -9.42
CA LEU A 152 -7.05 -1.49 -9.63
C LEU A 152 -6.80 -1.66 -11.13
N GLY A 153 -5.52 -1.62 -11.51
CA GLY A 153 -5.16 -2.03 -12.87
C GLY A 153 -5.77 -1.10 -13.91
N ILE A 154 -6.22 -1.68 -15.02
CA ILE A 154 -6.81 -0.88 -16.09
C ILE A 154 -7.97 -0.05 -15.54
N TRP A 155 -8.83 -0.66 -14.72
CA TRP A 155 -10.01 0.03 -14.21
C TRP A 155 -9.64 1.21 -13.34
N GLY A 156 -8.57 1.07 -12.56
CA GLY A 156 -8.20 2.09 -11.59
C GLY A 156 -7.24 3.14 -12.13
N PHE A 157 -6.46 2.80 -13.15
CA PHE A 157 -5.37 3.71 -13.51
C PHE A 157 -5.16 3.91 -15.01
N PHE A 158 -6.08 3.47 -15.85
CA PHE A 158 -5.94 3.74 -17.27
C PHE A 158 -5.96 5.25 -17.52
N SER A 159 -4.94 5.73 -18.25
CA SER A 159 -4.77 7.15 -18.49
C SER A 159 -4.36 7.39 -19.95
N THR A 160 -5.06 8.30 -20.64
CA THR A 160 -4.62 8.78 -21.94
C THR A 160 -3.67 9.96 -21.86
N GLY A 161 -3.39 10.44 -20.65
CA GLY A 161 -2.58 11.63 -20.50
C GLY A 161 -3.27 12.93 -20.83
N ASP A 162 -4.60 12.92 -20.96
CA ASP A 162 -5.33 14.14 -21.28
C ASP A 162 -6.73 14.03 -20.64
N GLU A 163 -7.62 14.92 -21.05
CA GLU A 163 -8.89 15.07 -20.36
C GLU A 163 -9.86 13.95 -20.66
N HIS A 164 -9.59 13.12 -21.68
CA HIS A 164 -10.50 12.05 -22.01
C HIS A 164 -10.36 10.86 -21.04
N SER A 165 -9.20 10.69 -20.40
CA SER A 165 -9.08 9.73 -19.30
C SER A 165 -7.83 10.16 -18.51
N ARG A 166 -8.05 11.06 -17.55
CA ARG A 166 -6.93 11.64 -16.83
C ARG A 166 -6.11 10.58 -16.12
N GLY A 167 -6.79 9.62 -15.47
CA GLY A 167 -6.16 8.57 -14.69
C GLY A 167 -6.44 8.74 -13.21
N ASN A 168 -5.76 7.91 -12.40
CA ASN A 168 -5.83 7.98 -10.93
C ASN A 168 -7.22 7.72 -10.38
N TRP A 169 -8.06 6.94 -11.11
CA TRP A 169 -9.39 6.59 -10.60
C TRP A 169 -9.32 5.88 -9.24
N GLY A 170 -8.34 5.01 -9.04
CA GLY A 170 -8.25 4.31 -7.76
C GLY A 170 -7.91 5.25 -6.60
N HIS A 171 -7.09 6.27 -6.86
CA HIS A 171 -6.81 7.25 -5.82
C HIS A 171 -8.04 8.11 -5.53
N LEU A 172 -8.81 8.44 -6.56
CA LEU A 172 -10.09 9.13 -6.35
C LEU A 172 -11.02 8.25 -5.52
N ASP A 173 -10.98 6.93 -5.70
CA ASP A 173 -11.77 6.04 -4.87
C ASP A 173 -11.32 6.10 -3.42
N GLN A 174 -10.00 6.19 -3.20
CA GLN A 174 -9.50 6.28 -1.83
C GLN A 174 -9.99 7.56 -1.16
N VAL A 175 -9.95 8.67 -1.91
CA VAL A 175 -10.47 9.94 -1.41
C VAL A 175 -11.98 9.83 -1.11
N ALA A 176 -12.73 9.16 -1.97
CA ALA A 176 -14.17 9.00 -1.73
C ALA A 176 -14.43 8.19 -0.47
N ALA A 177 -13.63 7.14 -0.25
CA ALA A 177 -13.78 6.38 0.99
C ALA A 177 -13.48 7.24 2.21
N LEU A 178 -12.47 8.12 2.13
CA LEU A 178 -12.18 9.00 3.28
C LEU A 178 -13.31 10.01 3.50
N ARG A 179 -13.90 10.55 2.44
CA ARG A 179 -15.04 11.44 2.65
C ARG A 179 -16.21 10.67 3.27
N TRP A 180 -16.43 9.43 2.83
CA TRP A 180 -17.47 8.63 3.46
C TRP A 180 -17.19 8.48 4.95
N VAL A 181 -15.92 8.24 5.30
CA VAL A 181 -15.56 8.07 6.71
C VAL A 181 -15.87 9.34 7.49
N GLN A 182 -15.47 10.50 6.94
CA GLN A 182 -15.84 11.79 7.55
C GLN A 182 -17.34 11.86 7.81
N ASP A 183 -18.15 11.49 6.81
CA ASP A 183 -19.59 11.71 6.94
C ASP A 183 -20.30 10.67 7.81
N ASN A 184 -19.69 9.51 8.06
CA ASN A 184 -20.41 8.39 8.65
C ASN A 184 -19.76 7.73 9.87
N ILE A 185 -18.46 7.89 10.12
CA ILE A 185 -17.81 6.99 11.07
C ILE A 185 -18.28 7.23 12.50
N ALA A 186 -18.76 8.44 12.82
CA ALA A 186 -19.28 8.69 14.17
C ALA A 186 -20.43 7.75 14.53
N SER A 187 -21.19 7.27 13.55
CA SER A 187 -22.24 6.30 13.85
C SER A 187 -21.70 4.95 14.26
N PHE A 188 -20.42 4.68 14.00
CA PHE A 188 -19.79 3.42 14.37
C PHE A 188 -18.89 3.58 15.58
N GLY A 189 -19.00 4.67 16.31
CA GLY A 189 -18.20 4.90 17.48
C GLY A 189 -16.86 5.56 17.22
N GLY A 190 -16.63 6.09 16.01
CA GLY A 190 -15.35 6.64 15.64
C GLY A 190 -15.37 8.15 15.65
N ASN A 191 -14.19 8.74 15.78
CA ASN A 191 -14.08 10.18 15.82
C ASN A 191 -13.63 10.72 14.47
N PRO A 192 -14.50 11.39 13.69
CA PRO A 192 -14.07 11.90 12.39
C PRO A 192 -13.04 13.00 12.47
N GLY A 193 -12.84 13.60 13.63
CA GLY A 193 -11.72 14.50 13.82
C GLY A 193 -10.39 13.84 14.14
N SER A 194 -10.29 12.49 14.14
CA SER A 194 -9.00 11.80 14.34
C SER A 194 -8.93 10.57 13.43
N VAL A 195 -8.61 10.80 12.15
CA VAL A 195 -8.51 9.72 11.17
C VAL A 195 -7.05 9.57 10.77
N THR A 196 -6.52 8.36 10.90
CA THR A 196 -5.17 8.02 10.51
C THR A 196 -5.26 7.13 9.28
N ILE A 197 -4.59 7.50 8.18
CA ILE A 197 -4.51 6.61 7.02
C ILE A 197 -3.21 5.82 7.10
N PHE A 198 -3.28 4.52 6.82
CA PHE A 198 -2.06 3.73 6.83
C PHE A 198 -2.18 2.67 5.77
N GLY A 199 -1.03 2.29 5.21
CA GLY A 199 -1.01 1.34 4.11
C GLY A 199 0.40 0.86 3.86
N GLU A 200 0.49 -0.27 3.17
CA GLU A 200 1.77 -0.91 2.91
C GLU A 200 1.96 -1.12 1.41
N SER A 201 3.20 -0.96 0.94
CA SER A 201 3.58 -1.18 -0.46
C SER A 201 2.85 -0.13 -1.31
N ALA A 202 2.10 -0.51 -2.35
CA ALA A 202 1.32 0.49 -3.06
C ALA A 202 0.33 1.20 -2.15
N GLY A 203 -0.06 0.59 -1.03
CA GLY A 203 -0.90 1.30 -0.08
C GLY A 203 -0.17 2.41 0.64
N GLY A 204 1.11 2.18 0.96
CA GLY A 204 1.94 3.24 1.52
C GLY A 204 2.23 4.34 0.51
N GLU A 205 2.43 3.97 -0.76
CA GLU A 205 2.54 4.99 -1.81
C GLU A 205 1.24 5.78 -1.92
N SER A 206 0.09 5.10 -1.80
CA SER A 206 -1.19 5.81 -1.85
C SER A 206 -1.30 6.81 -0.69
N VAL A 207 -0.90 6.40 0.53
CA VAL A 207 -0.90 7.34 1.65
C VAL A 207 -0.04 8.56 1.31
N SER A 208 1.15 8.33 0.74
CA SER A 208 2.03 9.44 0.40
C SER A 208 1.43 10.36 -0.66
N VAL A 209 0.74 9.78 -1.64
CA VAL A 209 0.06 10.55 -2.69
C VAL A 209 -1.06 11.39 -2.08
N LEU A 210 -1.80 10.81 -1.12
CA LEU A 210 -2.86 11.57 -0.47
C LEU A 210 -2.31 12.72 0.36
N VAL A 211 -1.12 12.53 0.97
CA VAL A 211 -0.47 13.65 1.64
C VAL A 211 -0.17 14.77 0.64
N LEU A 212 0.04 14.44 -0.62
CA LEU A 212 0.41 15.41 -1.63
C LEU A 212 -0.78 15.99 -2.39
N SER A 213 -2.02 15.54 -2.07
CA SER A 213 -3.17 15.88 -2.92
C SER A 213 -4.07 16.92 -2.28
N PRO A 214 -4.37 18.02 -2.98
CA PRO A 214 -5.36 18.97 -2.47
C PRO A 214 -6.75 18.35 -2.26
N LEU A 215 -7.08 17.29 -2.99
CA LEU A 215 -8.39 16.68 -2.82
C LEU A 215 -8.56 15.99 -1.48
N ALA A 216 -7.46 15.67 -0.79
CA ALA A 216 -7.53 14.99 0.49
C ALA A 216 -7.46 15.96 1.67
N LYS A 217 -7.53 17.27 1.41
CA LYS A 217 -7.52 18.24 2.50
C LYS A 217 -8.62 17.96 3.52
N ASN A 218 -8.23 17.96 4.80
CA ASN A 218 -9.13 17.78 5.94
C ASN A 218 -9.77 16.41 6.00
N LEU A 219 -9.24 15.41 5.29
CA LEU A 219 -9.80 14.07 5.37
C LEU A 219 -9.03 13.14 6.32
N PHE A 220 -7.87 13.55 6.80
CA PHE A 220 -7.13 12.70 7.72
C PHE A 220 -6.19 13.57 8.55
N HIS A 221 -5.74 13.01 9.67
CA HIS A 221 -5.01 13.80 10.67
C HIS A 221 -3.66 13.20 11.05
N ARG A 222 -3.37 11.97 10.63
CA ARG A 222 -2.06 11.33 10.77
C ARG A 222 -1.94 10.38 9.59
N ALA A 223 -0.71 10.03 9.23
CA ALA A 223 -0.47 9.14 8.11
C ALA A 223 0.70 8.21 8.41
N ILE A 224 0.62 6.99 7.89
CA ILE A 224 1.68 5.99 8.07
C ILE A 224 1.92 5.33 6.72
N SER A 225 3.15 5.43 6.21
CA SER A 225 3.55 4.73 5.00
C SER A 225 4.47 3.59 5.38
N GLU A 226 4.05 2.34 5.12
CA GLU A 226 4.85 1.16 5.41
C GLU A 226 5.42 0.65 4.09
N SER A 227 6.73 0.78 3.90
CA SER A 227 7.40 0.20 2.73
C SER A 227 6.79 0.71 1.41
N GLY A 228 6.70 2.02 1.27
CA GLY A 228 6.27 2.55 -0.02
C GLY A 228 5.89 4.01 0.08
N VAL A 229 6.37 4.84 -0.86
CA VAL A 229 6.09 6.27 -0.84
C VAL A 229 5.94 6.76 -2.28
N ALA A 230 5.61 8.04 -2.44
CA ALA A 230 5.38 8.58 -3.78
C ALA A 230 6.68 8.76 -4.57
N LEU A 231 7.83 8.60 -3.94
CA LEU A 231 9.11 8.57 -4.62
C LEU A 231 9.54 7.14 -4.98
N THR A 232 8.74 6.12 -4.62
CA THR A 232 8.91 4.76 -5.15
C THR A 232 8.54 4.82 -6.63
N SER A 233 9.55 4.97 -7.51
CA SER A 233 9.28 5.49 -8.86
C SER A 233 8.52 4.50 -9.74
N VAL A 234 8.62 3.19 -9.49
CA VAL A 234 7.90 2.23 -10.31
C VAL A 234 6.39 2.47 -10.25
N LEU A 235 5.90 3.15 -9.22
CA LEU A 235 4.46 3.36 -9.04
C LEU A 235 3.97 4.69 -9.59
N VAL A 236 4.86 5.57 -10.03
CA VAL A 236 4.48 6.91 -10.46
C VAL A 236 5.03 7.15 -11.88
N LYS A 237 4.13 7.29 -12.85
CA LYS A 237 4.50 7.52 -14.24
C LYS A 237 4.71 9.02 -14.48
N LYS A 238 5.92 9.39 -14.87
CA LYS A 238 6.19 10.74 -15.33
C LYS A 238 6.40 10.74 -16.84
N GLY A 239 6.26 11.91 -17.46
CA GLY A 239 6.48 11.98 -18.89
C GLY A 239 5.27 11.52 -19.69
N ASP A 240 5.52 10.85 -20.83
CA ASP A 240 4.44 10.55 -21.77
C ASP A 240 3.84 9.18 -21.47
N VAL A 241 2.57 9.19 -21.03
CA VAL A 241 1.85 7.95 -20.72
C VAL A 241 1.09 7.38 -21.91
N LYS A 242 1.09 8.09 -23.05
CA LYS A 242 0.29 7.65 -24.21
C LYS A 242 0.75 6.32 -24.81
N PRO A 243 2.05 5.99 -24.88
CA PRO A 243 2.43 4.66 -25.40
C PRO A 243 1.79 3.50 -24.66
N LEU A 244 1.75 3.56 -23.32
CA LEU A 244 1.14 2.47 -22.57
C LEU A 244 -0.35 2.37 -22.86
N ALA A 245 -1.03 3.52 -22.88
CA ALA A 245 -2.46 3.52 -23.18
C ALA A 245 -2.74 2.89 -24.53
N GLU A 246 -1.93 3.24 -25.55
CA GLU A 246 -2.14 2.69 -26.88
C GLU A 246 -1.88 1.19 -26.91
N GLN A 247 -0.88 0.72 -26.18
CA GLN A 247 -0.61 -0.72 -26.12
C GLN A 247 -1.77 -1.47 -25.45
N ILE A 248 -2.34 -0.88 -24.40
CA ILE A 248 -3.53 -1.47 -23.78
C ILE A 248 -4.70 -1.51 -24.77
N ALA A 249 -4.94 -0.39 -25.46
CA ALA A 249 -6.04 -0.32 -26.42
C ALA A 249 -5.90 -1.39 -27.49
N ILE A 250 -4.69 -1.55 -28.04
CA ILE A 250 -4.45 -2.49 -29.12
C ILE A 250 -4.64 -3.93 -28.63
N THR A 251 -4.09 -4.24 -27.45
CA THR A 251 -4.27 -5.57 -26.89
C THR A 251 -5.75 -5.88 -26.67
N ALA A 252 -6.54 -4.88 -26.29
CA ALA A 252 -7.98 -5.10 -26.12
C ALA A 252 -8.74 -5.17 -27.44
N GLY A 253 -8.11 -4.86 -28.56
CA GLY A 253 -8.81 -4.87 -29.84
C GLY A 253 -9.36 -3.53 -30.28
N CYS A 254 -8.83 -2.42 -29.77
CA CYS A 254 -9.36 -1.08 -29.99
C CYS A 254 -8.46 -0.30 -30.94
N LYS A 255 -9.07 0.60 -31.71
CA LYS A 255 -8.36 1.57 -32.52
C LYS A 255 -7.69 2.61 -31.63
N THR A 256 -6.58 3.20 -32.13
CA THR A 256 -5.90 4.27 -31.39
C THR A 256 -6.01 5.62 -32.10
N THR A 257 -7.08 5.82 -32.88
CA THR A 257 -7.20 7.01 -33.71
C THR A 257 -7.09 8.29 -32.90
N THR A 258 -7.79 8.35 -31.77
CA THR A 258 -7.72 9.47 -30.84
C THR A 258 -7.86 8.93 -29.42
N SER A 259 -7.57 9.78 -28.43
CA SER A 259 -7.78 9.41 -27.03
C SER A 259 -9.24 9.08 -26.76
N ALA A 260 -10.17 9.96 -27.19
CA ALA A 260 -11.59 9.73 -26.93
C ALA A 260 -12.07 8.42 -27.57
N VAL A 261 -11.52 8.09 -28.74
CA VAL A 261 -11.88 6.84 -29.41
C VAL A 261 -11.42 5.64 -28.60
N MET A 262 -10.15 5.65 -28.16
CA MET A 262 -9.64 4.60 -27.27
C MET A 262 -10.51 4.42 -26.03
N VAL A 263 -10.81 5.52 -25.34
CA VAL A 263 -11.54 5.40 -24.07
C VAL A 263 -12.95 4.88 -24.31
N HIS A 264 -13.61 5.35 -25.37
CA HIS A 264 -14.96 4.90 -25.64
C HIS A 264 -14.97 3.41 -25.99
N CYS A 265 -14.00 2.97 -26.81
CA CYS A 265 -13.89 1.55 -27.14
C CYS A 265 -13.67 0.71 -25.89
N LEU A 266 -12.76 1.13 -25.02
CA LEU A 266 -12.50 0.37 -23.78
C LEU A 266 -13.73 0.34 -22.88
N ARG A 267 -14.51 1.43 -22.87
CA ARG A 267 -15.76 1.44 -22.13
C ARG A 267 -16.79 0.45 -22.67
N GLN A 268 -16.67 0.02 -23.93
CA GLN A 268 -17.61 -1.00 -24.41
C GLN A 268 -17.17 -2.44 -24.13
N LYS A 269 -15.94 -2.69 -23.72
CA LYS A 269 -15.50 -4.05 -23.47
C LYS A 269 -16.15 -4.62 -22.20
N THR A 270 -16.37 -5.92 -22.19
CA THR A 270 -16.85 -6.57 -20.98
C THR A 270 -15.74 -6.66 -19.94
N GLU A 271 -16.15 -6.88 -18.69
CA GLU A 271 -15.17 -7.15 -17.64
C GLU A 271 -14.24 -8.28 -18.05
N GLU A 272 -14.80 -9.35 -18.63
CA GLU A 272 -13.98 -10.50 -18.99
C GLU A 272 -12.96 -10.15 -20.06
N GLU A 273 -13.32 -9.28 -21.02
CA GLU A 273 -12.38 -8.90 -22.06
C GLU A 273 -11.26 -8.02 -21.50
N LEU A 274 -11.58 -7.17 -20.53
CA LEU A 274 -10.53 -6.33 -19.94
C LEU A 274 -9.61 -7.17 -19.04
N LEU A 275 -10.15 -8.21 -18.41
CA LEU A 275 -9.30 -9.11 -17.65
C LEU A 275 -8.40 -9.93 -18.58
N GLU A 276 -8.93 -10.41 -19.73
CA GLU A 276 -8.06 -11.05 -20.72
C GLU A 276 -6.95 -10.10 -21.16
N THR A 277 -7.29 -8.82 -21.38
CA THR A 277 -6.28 -7.84 -21.75
C THR A 277 -5.22 -7.71 -20.65
N THR A 278 -5.67 -7.61 -19.39
CA THR A 278 -4.76 -7.54 -18.24
C THR A 278 -3.78 -8.70 -18.25
N LEU A 279 -4.30 -9.92 -18.39
CA LEU A 279 -3.46 -11.11 -18.34
C LEU A 279 -2.49 -11.17 -19.53
N LYS A 280 -2.94 -10.76 -20.72
CA LYS A 280 -2.03 -10.71 -21.89
C LYS A 280 -0.91 -9.69 -21.69
N MET A 281 -1.17 -8.60 -20.95
CA MET A 281 -0.12 -7.60 -20.77
C MET A 281 0.97 -8.07 -19.81
N LYS A 282 0.71 -9.11 -19.02
CA LYS A 282 1.72 -9.71 -18.14
C LYS A 282 2.32 -8.65 -17.21
N PHE A 283 1.44 -7.98 -16.47
CA PHE A 283 1.89 -6.98 -15.51
C PHE A 283 2.52 -7.68 -14.31
N LEU A 284 3.21 -6.89 -13.47
CA LEU A 284 3.77 -7.39 -12.21
C LEU A 284 4.71 -8.57 -12.42
N SER A 285 5.45 -8.53 -13.53
CA SER A 285 6.27 -9.66 -13.95
C SER A 285 7.43 -9.07 -14.73
N LEU A 286 8.66 -9.37 -14.30
CA LEU A 286 9.83 -8.76 -14.94
C LEU A 286 9.88 -9.09 -16.42
N ASP A 287 9.93 -8.04 -17.23
CA ASP A 287 9.87 -8.14 -18.69
C ASP A 287 11.28 -8.37 -19.22
N LEU A 288 11.55 -9.57 -19.73
CA LEU A 288 12.89 -9.94 -20.17
C LEU A 288 13.06 -9.91 -21.68
N GLN A 289 12.07 -9.43 -22.44
CA GLN A 289 12.15 -9.43 -23.89
C GLN A 289 12.08 -8.01 -24.43
N GLY A 290 13.12 -7.61 -25.15
CA GLY A 290 13.15 -6.29 -25.74
C GLY A 290 13.87 -5.29 -24.86
N ASP A 291 13.77 -4.04 -25.31
CA ASP A 291 14.42 -2.91 -24.64
C ASP A 291 13.77 -2.67 -23.27
N PRO A 292 14.54 -2.67 -22.17
CA PRO A 292 13.93 -2.49 -20.83
C PRO A 292 13.24 -1.16 -20.65
N ARG A 293 13.68 -0.12 -21.35
CA ARG A 293 13.05 1.19 -21.22
C ARG A 293 11.61 1.20 -21.70
N GLU A 294 11.18 0.19 -22.45
CA GLU A 294 9.80 0.07 -22.89
C GLU A 294 8.97 -0.85 -21.99
N SER A 295 9.56 -1.40 -20.93
CA SER A 295 8.81 -2.28 -20.03
C SER A 295 7.84 -1.48 -19.18
N GLN A 296 6.62 -2.00 -19.03
CA GLN A 296 5.55 -1.38 -18.24
C GLN A 296 5.02 -2.41 -17.24
N PRO A 297 5.59 -2.48 -16.04
CA PRO A 297 5.21 -3.55 -15.10
C PRO A 297 3.86 -3.34 -14.42
N LEU A 298 3.31 -2.13 -14.42
CA LEU A 298 2.01 -1.88 -13.83
C LEU A 298 1.46 -0.55 -14.37
N LEU A 299 0.14 -0.40 -14.31
CA LEU A 299 -0.49 0.90 -14.49
C LEU A 299 -0.57 1.58 -13.13
N GLY A 300 -0.05 2.79 -13.04
CA GLY A 300 0.02 3.42 -11.75
C GLY A 300 -0.38 4.88 -11.72
N THR A 301 0.10 5.57 -10.69
CA THR A 301 -0.19 6.97 -10.46
C THR A 301 0.38 7.83 -11.58
N VAL A 302 -0.41 8.80 -12.05
CA VAL A 302 0.05 9.78 -13.03
C VAL A 302 -0.13 11.17 -12.45
N ILE A 303 0.45 12.16 -13.13
CA ILE A 303 0.25 13.56 -12.77
C ILE A 303 -0.94 14.01 -13.60
N ASP A 304 -2.14 13.93 -13.00
CA ASP A 304 -3.37 14.09 -13.77
C ASP A 304 -3.90 15.51 -13.82
N GLY A 305 -3.46 16.39 -12.92
CA GLY A 305 -3.97 17.73 -12.84
C GLY A 305 -5.16 17.91 -11.93
N MET A 306 -5.73 16.83 -11.38
CA MET A 306 -6.83 16.93 -10.44
C MET A 306 -6.40 16.42 -9.06
N LEU A 307 -5.97 15.16 -8.99
CA LEU A 307 -5.44 14.58 -7.75
C LEU A 307 -4.03 15.07 -7.46
N LEU A 308 -3.13 14.92 -8.43
CA LEU A 308 -1.77 15.44 -8.34
C LEU A 308 -1.58 16.53 -9.39
N LEU A 309 -1.20 17.74 -8.94
CA LEU A 309 -1.06 18.87 -9.84
C LEU A 309 0.33 18.98 -10.43
N LYS A 310 1.35 18.45 -9.74
CA LYS A 310 2.71 18.33 -10.28
C LYS A 310 3.38 17.09 -9.71
N THR A 311 4.63 16.90 -10.08
CA THR A 311 5.32 15.69 -9.66
C THR A 311 5.56 15.74 -8.14
N PRO A 312 5.63 14.60 -7.49
CA PRO A 312 5.95 14.60 -6.06
C PRO A 312 7.21 15.39 -5.72
N GLU A 313 8.25 15.31 -6.56
CA GLU A 313 9.46 16.09 -6.31
C GLU A 313 9.17 17.59 -6.32
N GLU A 314 8.44 18.07 -7.32
CA GLU A 314 8.10 19.50 -7.38
C GLU A 314 7.23 19.90 -6.20
N LEU A 315 6.27 19.05 -5.82
CA LEU A 315 5.41 19.40 -4.70
C LEU A 315 6.21 19.50 -3.40
N GLN A 316 7.14 18.57 -3.15
CA GLN A 316 7.92 18.73 -1.92
C GLN A 316 8.88 19.90 -1.99
N ALA A 317 9.40 20.25 -3.18
CA ALA A 317 10.26 21.43 -3.26
C ALA A 317 9.51 22.69 -2.87
N GLU A 318 8.24 22.79 -3.22
CA GLU A 318 7.49 23.99 -2.85
C GLU A 318 6.73 23.83 -1.54
N ARG A 319 6.96 22.74 -0.81
CA ARG A 319 6.34 22.49 0.50
C ARG A 319 4.83 22.51 0.40
N ASN A 320 4.30 21.98 -0.70
CA ASN A 320 2.87 22.00 -0.97
C ASN A 320 2.29 20.61 -0.68
N PHE A 321 2.11 20.31 0.61
CA PHE A 321 1.50 19.05 1.01
C PHE A 321 0.92 19.20 2.40
N HIS A 322 0.21 18.15 2.86
CA HIS A 322 -0.45 18.22 4.15
C HIS A 322 0.53 17.89 5.27
N THR A 323 0.79 18.85 6.13
CA THR A 323 1.85 18.72 7.13
C THR A 323 1.35 18.02 8.41
N VAL A 324 0.71 16.87 8.24
CA VAL A 324 0.19 16.08 9.35
C VAL A 324 1.34 15.27 9.96
N PRO A 325 1.23 14.78 11.19
CA PRO A 325 2.19 13.77 11.68
C PRO A 325 2.25 12.58 10.73
N TYR A 326 3.47 12.15 10.39
CA TYR A 326 3.72 11.18 9.33
C TYR A 326 4.79 10.19 9.78
N MET A 327 4.44 8.90 9.80
CA MET A 327 5.39 7.84 10.13
C MET A 327 5.73 7.11 8.84
N VAL A 328 7.02 7.05 8.52
CA VAL A 328 7.54 6.41 7.32
C VAL A 328 8.52 5.31 7.73
N GLY A 329 8.27 4.09 7.27
CA GLY A 329 9.10 2.97 7.69
C GLY A 329 9.44 2.05 6.53
N ILE A 330 10.53 1.31 6.74
CA ILE A 330 10.95 0.29 5.79
C ILE A 330 11.29 -0.96 6.56
N ASN A 331 11.39 -2.07 5.84
CA ASN A 331 11.85 -3.33 6.39
C ASN A 331 13.32 -3.56 6.02
N LYS A 332 14.00 -4.40 6.81
CA LYS A 332 15.45 -4.61 6.64
C LYS A 332 15.79 -5.09 5.23
N GLN A 333 14.97 -6.02 4.69
CA GLN A 333 15.22 -6.67 3.36
C GLN A 333 13.96 -6.58 2.45
N GLU A 334 13.69 -5.39 1.93
CA GLU A 334 12.45 -5.13 1.13
C GLU A 334 12.41 -6.00 -0.13
N PHE A 335 13.56 -6.23 -0.74
CA PHE A 335 13.66 -7.05 -1.98
C PHE A 335 14.17 -8.48 -1.70
N GLY A 336 14.15 -8.91 -0.45
CA GLY A 336 14.77 -10.20 -0.11
C GLY A 336 14.16 -11.43 -0.77
N TRP A 337 12.83 -11.53 -0.81
CA TRP A 337 12.17 -12.74 -1.37
C TRP A 337 10.83 -12.48 -2.10
N LEU A 338 9.84 -11.98 -1.37
CA LEU A 338 8.47 -11.98 -1.90
C LEU A 338 8.29 -11.18 -3.18
N ILE A 339 8.82 -9.98 -3.27
CA ILE A 339 8.61 -9.30 -4.57
C ILE A 339 9.35 -9.95 -5.75
N PRO A 340 10.66 -10.26 -5.66
CA PRO A 340 11.26 -10.91 -6.83
C PRO A 340 10.79 -12.34 -7.11
N MET A 341 10.77 -13.17 -6.08
CA MET A 341 10.36 -14.60 -6.17
C MET A 341 8.86 -14.88 -6.34
N GLN A 342 7.99 -14.18 -5.64
CA GLN A 342 6.55 -14.53 -5.70
C GLN A 342 5.71 -13.62 -6.63
N LEU A 343 6.09 -12.34 -6.75
CA LEU A 343 5.26 -11.44 -7.57
C LEU A 343 5.86 -11.24 -8.97
N MET A 344 7.17 -10.99 -9.05
CA MET A 344 7.78 -10.58 -10.35
C MET A 344 8.57 -11.66 -11.12
N SER A 345 8.64 -12.88 -10.63
CA SER A 345 9.29 -13.94 -11.44
C SER A 345 10.73 -13.54 -11.84
N TYR A 346 11.50 -12.99 -10.90
CA TYR A 346 12.92 -12.65 -11.16
C TYR A 346 13.75 -13.89 -11.45
N PRO A 347 14.71 -13.79 -12.39
CA PRO A 347 15.65 -14.91 -12.65
C PRO A 347 16.77 -14.95 -11.63
N LEU A 348 16.43 -15.40 -10.42
CA LEU A 348 17.35 -15.47 -9.29
C LEU A 348 17.23 -16.80 -8.55
N SER A 349 16.90 -17.86 -9.27
CA SER A 349 16.84 -19.19 -8.65
C SER A 349 18.21 -19.66 -8.18
N GLU A 350 19.30 -19.26 -8.86
CA GLU A 350 20.61 -19.85 -8.58
C GLU A 350 21.16 -19.44 -7.22
N GLY A 351 20.89 -18.23 -6.75
CA GLY A 351 21.42 -17.85 -5.46
C GLY A 351 22.89 -17.52 -5.43
N GLN A 352 23.55 -17.44 -6.59
CA GLN A 352 24.82 -16.75 -6.73
C GLN A 352 24.75 -15.87 -7.97
N LEU A 353 25.44 -14.74 -7.90
CA LEU A 353 25.39 -13.75 -8.96
C LEU A 353 26.79 -13.22 -9.18
N ASP A 354 27.27 -13.33 -10.41
CA ASP A 354 28.52 -12.66 -10.77
C ASP A 354 28.19 -11.26 -11.27
N GLN A 355 29.22 -10.40 -11.27
CA GLN A 355 29.00 -8.99 -11.55
C GLN A 355 28.46 -8.76 -12.95
N LYS A 356 28.87 -9.58 -13.93
CA LYS A 356 28.39 -9.40 -15.30
C LYS A 356 26.89 -9.68 -15.38
N THR A 357 26.44 -10.80 -14.81
CA THR A 357 25.01 -11.10 -14.75
C THR A 357 24.27 -10.03 -13.97
N ALA A 358 24.86 -9.55 -12.87
CA ALA A 358 24.24 -8.49 -12.09
C ALA A 358 24.01 -7.22 -12.91
N MET A 359 25.00 -6.79 -13.70
CA MET A 359 24.78 -5.59 -14.53
C MET A 359 23.70 -5.84 -15.58
N SER A 360 23.69 -7.03 -16.18
CA SER A 360 22.65 -7.33 -17.16
C SER A 360 21.26 -7.29 -16.51
N LEU A 361 21.15 -7.84 -15.30
CA LEU A 361 19.89 -7.88 -14.57
C LEU A 361 19.45 -6.50 -14.10
N LEU A 362 20.40 -5.70 -13.61
CA LEU A 362 20.07 -4.34 -13.20
C LEU A 362 19.60 -3.51 -14.39
N TRP A 363 20.15 -3.77 -15.57
CA TRP A 363 19.61 -3.10 -16.76
C TRP A 363 18.19 -3.58 -17.05
N LYS A 364 17.96 -4.89 -16.97
CA LYS A 364 16.59 -5.37 -17.16
C LYS A 364 15.63 -4.80 -16.10
N SER A 365 16.14 -4.43 -14.93
CA SER A 365 15.35 -3.89 -13.82
C SER A 365 15.03 -2.41 -14.01
N TYR A 366 15.38 -1.82 -15.15
CA TYR A 366 15.09 -0.41 -15.42
C TYR A 366 13.71 0.07 -15.00
N PRO A 367 12.60 -0.61 -15.35
CA PRO A 367 11.30 -0.12 -14.87
C PRO A 367 11.19 0.00 -13.35
N LEU A 368 11.95 -0.78 -12.58
CA LEU A 368 11.95 -0.67 -11.13
C LEU A 368 12.92 0.40 -10.59
N VAL A 369 14.13 0.51 -11.14
CA VAL A 369 15.15 1.34 -10.52
C VAL A 369 15.56 2.54 -11.35
N CYS A 370 15.31 2.55 -12.66
CA CYS A 370 15.50 3.74 -13.50
C CYS A 370 16.98 4.15 -13.61
N ILE A 371 17.88 3.19 -13.68
CA ILE A 371 19.31 3.50 -13.75
C ILE A 371 19.75 3.42 -15.21
N ALA A 372 20.18 4.55 -15.75
CA ALA A 372 20.63 4.60 -17.13
C ALA A 372 21.74 3.60 -17.38
N LYS A 373 21.81 3.11 -18.62
CA LYS A 373 22.75 2.03 -18.94
C LYS A 373 24.19 2.44 -18.61
N GLU A 374 24.56 3.68 -18.94
CA GLU A 374 25.93 4.12 -18.69
C GLU A 374 26.25 4.18 -17.21
N LEU A 375 25.24 4.22 -16.34
CA LEU A 375 25.47 4.24 -14.90
C LEU A 375 25.37 2.85 -14.27
N ILE A 376 24.99 1.82 -15.03
CA ILE A 376 24.90 0.47 -14.48
C ILE A 376 26.21 0.02 -13.85
N PRO A 377 27.38 0.18 -14.49
CA PRO A 377 28.62 -0.30 -13.85
C PRO A 377 28.90 0.32 -12.50
N GLU A 378 28.91 1.65 -12.43
CA GLU A 378 29.18 2.33 -11.17
C GLU A 378 28.25 1.82 -10.07
N ALA A 379 26.94 1.87 -10.32
CA ALA A 379 25.96 1.39 -9.36
C ALA A 379 26.30 -0.02 -8.89
N THR A 380 26.53 -0.93 -9.84
CA THR A 380 26.77 -2.32 -9.46
C THR A 380 28.07 -2.42 -8.67
N GLU A 381 29.11 -1.69 -9.10
CA GLU A 381 30.39 -1.74 -8.43
C GLU A 381 30.26 -1.25 -6.99
N LYS A 382 29.42 -0.22 -6.78
CA LYS A 382 29.28 0.32 -5.43
C LYS A 382 28.74 -0.73 -4.48
N TYR A 383 27.89 -1.63 -4.96
CA TYR A 383 27.27 -2.57 -4.04
C TYR A 383 27.96 -3.93 -4.02
N LEU A 384 28.47 -4.38 -5.18
CA LEU A 384 28.99 -5.74 -5.30
C LEU A 384 30.52 -5.81 -5.37
N GLY A 385 31.21 -4.69 -5.61
CA GLY A 385 32.64 -4.72 -5.83
C GLY A 385 33.48 -5.00 -4.60
N GLY A 386 32.92 -4.81 -3.40
CA GLY A 386 33.72 -4.94 -2.19
C GLY A 386 33.96 -6.36 -1.73
N THR A 387 33.20 -7.31 -2.27
CA THR A 387 33.41 -8.71 -1.97
C THR A 387 33.59 -9.49 -3.26
N ASP A 388 34.13 -10.69 -3.09
CA ASP A 388 34.40 -11.59 -4.20
C ASP A 388 33.48 -12.81 -4.20
N ASP A 389 32.86 -13.11 -3.06
CA ASP A 389 31.89 -14.18 -2.93
C ASP A 389 30.62 -13.85 -3.72
N THR A 390 30.21 -14.75 -4.63
CA THR A 390 29.07 -14.45 -5.51
C THR A 390 27.73 -14.65 -4.83
N VAL A 391 27.67 -15.46 -3.76
CA VAL A 391 26.46 -15.50 -2.94
C VAL A 391 26.25 -14.16 -2.24
N LYS A 392 27.32 -13.62 -1.67
CA LYS A 392 27.26 -12.29 -1.08
C LYS A 392 26.90 -11.25 -2.14
N LYS A 393 27.39 -11.42 -3.37
CA LYS A 393 27.01 -10.49 -4.43
C LYS A 393 25.51 -10.55 -4.71
N LYS A 394 24.91 -11.74 -4.72
CA LYS A 394 23.45 -11.81 -4.90
C LYS A 394 22.73 -11.05 -3.78
N ASP A 395 23.14 -11.29 -2.52
CA ASP A 395 22.51 -10.59 -1.40
C ASP A 395 22.68 -9.06 -1.49
N LEU A 396 23.88 -8.62 -1.89
CA LEU A 396 24.13 -7.18 -2.02
C LEU A 396 23.36 -6.57 -3.19
N PHE A 397 23.10 -7.37 -4.23
CA PHE A 397 22.26 -6.90 -5.33
C PHE A 397 20.82 -6.68 -4.86
N LEU A 398 20.32 -7.61 -4.03
CA LEU A 398 18.99 -7.42 -3.45
C LEU A 398 18.94 -6.17 -2.59
N ASP A 399 20.01 -5.92 -1.81
CA ASP A 399 20.11 -4.66 -1.07
C ASP A 399 20.04 -3.45 -1.98
N LEU A 400 20.73 -3.51 -3.13
CA LEU A 400 20.73 -2.37 -4.05
C LEU A 400 19.32 -2.04 -4.53
N ILE A 401 18.60 -3.05 -5.03
CA ILE A 401 17.23 -2.80 -5.50
C ILE A 401 16.35 -2.28 -4.36
N ALA A 402 16.48 -2.85 -3.16
CA ALA A 402 15.68 -2.39 -2.02
C ALA A 402 15.96 -0.92 -1.69
N ASP A 403 17.23 -0.52 -1.71
CA ASP A 403 17.60 0.87 -1.43
C ASP A 403 17.04 1.82 -2.49
N VAL A 404 17.07 1.43 -3.76
CA VAL A 404 16.58 2.38 -4.76
C VAL A 404 15.06 2.48 -4.73
N MET A 405 14.39 1.36 -4.46
CA MET A 405 12.95 1.26 -4.56
C MET A 405 12.26 1.84 -3.32
N PHE A 406 12.78 1.54 -2.14
CA PHE A 406 12.13 1.80 -0.87
C PHE A 406 12.96 2.65 0.10
N GLY A 407 14.22 2.27 0.38
CA GLY A 407 14.91 2.90 1.50
C GLY A 407 15.22 4.37 1.24
N VAL A 408 15.84 4.67 0.10
CA VAL A 408 16.20 6.04 -0.22
C VAL A 408 14.94 6.88 -0.47
N PRO A 409 13.98 6.44 -1.30
CA PRO A 409 12.73 7.22 -1.40
C PRO A 409 12.10 7.53 -0.05
N SER A 410 12.09 6.56 0.87
CA SER A 410 11.44 6.77 2.16
C SER A 410 12.17 7.83 2.98
N VAL A 411 13.51 7.79 3.01
CA VAL A 411 14.23 8.80 3.77
C VAL A 411 14.08 10.17 3.12
N ILE A 412 14.07 10.25 1.79
CA ILE A 412 13.90 11.57 1.17
C ILE A 412 12.51 12.14 1.51
N VAL A 413 11.48 11.28 1.49
CA VAL A 413 10.14 11.76 1.83
C VAL A 413 10.12 12.24 3.28
N ALA A 414 10.72 11.47 4.19
CA ALA A 414 10.70 11.85 5.59
C ALA A 414 11.43 13.16 5.83
N ARG A 415 12.62 13.33 5.21
CA ARG A 415 13.37 14.56 5.34
C ARG A 415 12.58 15.77 4.83
N ASN A 416 11.97 15.63 3.66
CA ASN A 416 11.20 16.75 3.13
C ASN A 416 10.00 17.07 4.02
N HIS A 417 9.37 16.04 4.59
CA HIS A 417 8.26 16.26 5.50
C HIS A 417 8.71 16.96 6.78
N ARG A 418 9.80 16.47 7.38
CA ARG A 418 10.38 17.11 8.54
C ARG A 418 10.71 18.58 8.26
N ASP A 419 11.24 18.88 7.08
CA ASP A 419 11.68 20.23 6.77
C ASP A 419 10.54 21.18 6.53
N ALA A 420 9.32 20.68 6.30
CA ALA A 420 8.14 21.54 6.30
C ALA A 420 7.57 21.74 7.69
N GLY A 421 8.34 21.41 8.72
CA GLY A 421 7.90 21.53 10.09
C GLY A 421 6.92 20.49 10.58
N ALA A 422 6.66 19.42 9.82
CA ALA A 422 5.67 18.49 10.36
C ALA A 422 6.33 17.46 11.27
N PRO A 423 5.64 17.00 12.31
CA PRO A 423 6.17 15.87 13.10
C PRO A 423 6.32 14.65 12.22
N THR A 424 7.51 14.05 12.25
CA THR A 424 7.89 12.97 11.37
C THR A 424 8.56 11.89 12.20
N TYR A 425 8.28 10.62 11.88
CA TYR A 425 8.85 9.50 12.60
C TYR A 425 9.27 8.45 11.59
N MET A 426 10.38 7.75 11.85
CA MET A 426 10.78 6.66 10.97
C MET A 426 11.08 5.38 11.73
N TYR A 427 10.91 4.27 11.02
CA TYR A 427 11.33 2.99 11.60
C TYR A 427 11.98 2.11 10.53
N GLU A 428 12.77 1.16 11.03
CA GLU A 428 13.29 0.05 10.23
C GLU A 428 12.94 -1.24 10.97
N PHE A 429 12.18 -2.11 10.30
CA PHE A 429 11.60 -3.32 10.88
C PHE A 429 12.45 -4.53 10.52
N GLN A 430 12.83 -5.32 11.53
CA GLN A 430 13.72 -6.47 11.33
C GLN A 430 13.21 -7.64 12.15
N TYR A 431 12.44 -8.52 11.52
CA TYR A 431 11.95 -9.73 12.18
C TYR A 431 11.52 -10.70 11.10
N ARG A 432 11.68 -11.99 11.38
CA ARG A 432 11.17 -12.99 10.47
C ARG A 432 9.96 -13.68 11.08
N PRO A 433 8.73 -13.36 10.65
CA PRO A 433 7.55 -13.96 11.27
C PRO A 433 7.50 -15.47 11.05
N SER A 434 6.99 -16.18 12.06
CA SER A 434 6.72 -17.61 11.89
C SER A 434 5.65 -17.86 10.83
N PHE A 435 4.89 -16.82 10.49
CA PHE A 435 3.84 -16.91 9.47
C PHE A 435 4.40 -16.83 8.06
N SER A 436 5.72 -16.70 7.91
CA SER A 436 6.35 -16.68 6.60
C SER A 436 5.97 -17.92 5.81
N SER A 437 5.88 -17.76 4.48
CA SER A 437 5.70 -18.90 3.59
C SER A 437 6.78 -19.95 3.82
N ASP A 438 6.39 -21.22 3.65
CA ASP A 438 7.36 -22.31 3.75
C ASP A 438 8.39 -22.26 2.63
N MET A 439 8.07 -21.60 1.53
CA MET A 439 8.99 -21.45 0.41
C MET A 439 10.11 -20.46 0.70
N LYS A 440 10.01 -19.68 1.77
CA LYS A 440 10.90 -18.55 1.99
C LYS A 440 12.14 -19.02 2.77
N PRO A 441 13.35 -18.79 2.26
CA PRO A 441 14.54 -19.23 3.00
C PRO A 441 14.59 -18.62 4.39
N LYS A 442 15.14 -19.38 5.34
CA LYS A 442 15.17 -18.95 6.73
C LYS A 442 16.10 -17.78 6.98
N THR A 443 16.98 -17.47 6.03
CA THR A 443 17.91 -16.35 6.20
C THR A 443 17.29 -15.00 5.82
N VAL A 444 16.12 -14.97 5.19
CA VAL A 444 15.48 -13.70 4.85
C VAL A 444 14.76 -13.17 6.08
N ILE A 445 15.13 -11.97 6.51
CA ILE A 445 14.56 -11.36 7.71
C ILE A 445 14.14 -9.92 7.39
N GLY A 446 12.93 -9.55 7.79
CA GLY A 446 12.44 -8.24 7.42
C GLY A 446 12.17 -8.12 5.94
N ASP A 447 11.60 -9.15 5.34
CA ASP A 447 11.13 -9.11 3.95
C ASP A 447 9.98 -8.11 3.83
N HIS A 448 9.74 -7.66 2.60
CA HIS A 448 8.56 -6.86 2.29
C HIS A 448 7.31 -7.52 2.87
N GLY A 449 6.54 -6.74 3.64
CA GLY A 449 5.30 -7.20 4.24
C GLY A 449 5.44 -7.84 5.60
N ASP A 450 6.67 -8.06 6.10
CA ASP A 450 6.86 -8.79 7.34
C ASP A 450 6.27 -8.06 8.54
N GLU A 451 6.22 -6.72 8.49
CA GLU A 451 5.65 -5.99 9.61
C GLU A 451 4.13 -6.16 9.70
N LEU A 452 3.47 -6.59 8.62
CA LEU A 452 2.01 -6.65 8.60
C LEU A 452 1.48 -7.53 9.72
N PHE A 453 2.13 -8.69 9.92
CA PHE A 453 1.70 -9.65 10.92
C PHE A 453 1.76 -9.06 12.33
N SER A 454 2.70 -8.14 12.57
CA SER A 454 2.72 -7.46 13.86
C SER A 454 1.67 -6.35 13.91
N VAL A 455 1.55 -5.58 12.84
CA VAL A 455 0.61 -4.45 12.83
C VAL A 455 -0.82 -4.94 13.02
N PHE A 456 -1.18 -6.06 12.41
CA PHE A 456 -2.57 -6.50 12.44
C PHE A 456 -2.80 -7.63 13.43
N GLY A 457 -1.85 -7.88 14.33
CA GLY A 457 -2.11 -8.82 15.41
C GLY A 457 -2.30 -10.25 14.99
N ALA A 458 -1.59 -10.68 13.95
CA ALA A 458 -1.65 -12.08 13.52
C ALA A 458 -1.38 -13.09 14.65
N PRO A 459 -0.47 -12.85 15.60
CA PRO A 459 -0.28 -13.84 16.69
C PRO A 459 -1.52 -14.11 17.53
N PHE A 460 -2.55 -13.27 17.46
CA PHE A 460 -3.78 -13.45 18.21
C PHE A 460 -4.90 -14.08 17.39
N LEU A 461 -4.68 -14.33 16.11
CA LEU A 461 -5.65 -14.91 15.21
C LEU A 461 -5.14 -16.17 14.54
N LYS A 462 -3.86 -16.19 14.15
CA LYS A 462 -3.22 -17.37 13.60
C LYS A 462 -2.56 -18.14 14.74
N GLU A 463 -2.27 -19.41 14.50
CA GLU A 463 -1.68 -20.26 15.51
C GLU A 463 -0.17 -20.38 15.33
N GLY A 464 0.51 -20.75 16.41
CA GLY A 464 1.91 -21.10 16.35
C GLY A 464 2.89 -19.97 16.59
N ALA A 465 2.42 -18.79 17.01
CA ALA A 465 3.32 -17.69 17.28
C ALA A 465 4.10 -17.94 18.57
N SER A 466 5.40 -17.65 18.52
CA SER A 466 6.19 -17.72 19.73
C SER A 466 5.79 -16.57 20.66
N GLU A 467 6.34 -16.64 21.87
CA GLU A 467 6.04 -15.65 22.90
C GLU A 467 6.67 -14.30 22.55
N GLU A 468 7.87 -14.34 21.98
CA GLU A 468 8.54 -13.14 21.49
C GLU A 468 7.72 -12.47 20.39
N GLU A 469 7.14 -13.28 19.49
CA GLU A 469 6.36 -12.73 18.38
C GLU A 469 5.08 -12.07 18.90
N ILE A 470 4.45 -12.69 19.92
CA ILE A 470 3.28 -12.08 20.55
C ILE A 470 3.63 -10.74 21.19
N ARG A 471 4.70 -10.72 21.98
CA ARG A 471 5.18 -9.47 22.57
C ARG A 471 5.46 -8.40 21.50
N LEU A 472 6.08 -8.78 20.39
CA LEU A 472 6.37 -7.82 19.33
C LEU A 472 5.08 -7.23 18.77
N SER A 473 4.09 -8.08 18.52
CA SER A 473 2.84 -7.55 17.95
C SER A 473 2.18 -6.59 18.92
N LYS A 474 2.14 -6.93 20.22
CA LYS A 474 1.51 -6.04 21.17
C LYS A 474 2.21 -4.68 21.18
N MET A 475 3.54 -4.68 21.09
CA MET A 475 4.24 -3.40 21.12
C MET A 475 3.98 -2.61 19.83
N VAL A 476 4.02 -3.26 18.66
CA VAL A 476 3.82 -2.56 17.40
C VAL A 476 2.42 -1.97 17.34
N MET A 477 1.42 -2.76 17.72
CA MET A 477 0.04 -2.29 17.72
C MET A 477 -0.11 -1.09 18.64
N LYS A 478 0.52 -1.13 19.83
CA LYS A 478 0.42 0.02 20.73
C LYS A 478 1.12 1.25 20.17
N PHE A 479 2.29 1.08 19.55
CA PHE A 479 2.94 2.21 18.88
C PHE A 479 2.02 2.82 17.81
N TRP A 480 1.44 1.98 16.97
CA TRP A 480 0.61 2.47 15.86
C TRP A 480 -0.62 3.21 16.40
N ALA A 481 -1.30 2.63 17.39
CA ALA A 481 -2.53 3.25 17.89
C ALA A 481 -2.25 4.47 18.76
N ASN A 482 -1.13 4.50 19.52
CA ASN A 482 -0.70 5.75 20.14
C ASN A 482 -0.48 6.83 19.09
N PHE A 483 0.15 6.48 17.97
CA PHE A 483 0.35 7.46 16.91
C PHE A 483 -1.00 7.97 16.38
N ALA A 484 -1.95 7.05 16.19
CA ALA A 484 -3.29 7.45 15.75
C ALA A 484 -3.95 8.39 16.75
N ARG A 485 -3.80 8.07 18.04
CA ARG A 485 -4.40 8.90 19.09
C ARG A 485 -3.75 10.28 19.16
N ASN A 486 -2.41 10.34 19.13
CA ASN A 486 -1.68 11.55 19.51
C ASN A 486 -0.73 12.08 18.47
N GLY A 487 -0.56 11.42 17.33
CA GLY A 487 0.47 11.89 16.43
C GLY A 487 1.88 11.72 16.97
N ASN A 488 2.04 10.82 17.93
CA ASN A 488 3.29 10.53 18.63
C ASN A 488 3.15 9.10 19.12
N PRO A 489 4.02 8.17 18.71
CA PRO A 489 3.83 6.76 19.08
C PRO A 489 4.15 6.41 20.53
N ASN A 490 4.72 7.33 21.31
CA ASN A 490 5.30 6.98 22.60
C ASN A 490 4.24 6.79 23.68
N GLY A 491 4.63 6.11 24.75
CA GLY A 491 3.74 5.87 25.86
C GLY A 491 4.43 5.03 26.91
N GLU A 492 3.75 4.83 28.03
CA GLU A 492 4.35 4.07 29.13
C GLU A 492 4.47 2.60 28.76
N GLY A 493 5.60 2.01 29.13
CA GLY A 493 5.91 0.63 28.82
C GLY A 493 6.56 0.40 27.47
N LEU A 494 6.81 1.46 26.70
CA LEU A 494 7.29 1.32 25.35
C LEU A 494 8.68 1.93 25.21
N PRO A 495 9.56 1.30 24.44
CA PRO A 495 10.86 1.91 24.10
C PRO A 495 10.66 3.31 23.54
N HIS A 496 11.58 4.22 23.89
CA HIS A 496 11.51 5.59 23.41
C HIS A 496 11.71 5.65 21.90
N TRP A 497 10.82 6.35 21.22
CA TRP A 497 10.88 6.50 19.76
C TRP A 497 11.11 7.98 19.50
N PRO A 498 12.32 8.40 19.13
CA PRO A 498 12.57 9.83 18.95
C PRO A 498 11.90 10.35 17.69
N GLU A 499 11.58 11.63 17.70
CA GLU A 499 11.13 12.29 16.49
C GLU A 499 12.25 12.31 15.46
N TYR A 500 11.87 12.14 14.20
CA TYR A 500 12.83 12.28 13.09
C TYR A 500 13.07 13.77 12.86
N ASN A 501 14.08 14.31 13.53
CA ASN A 501 14.42 15.72 13.40
C ASN A 501 15.76 15.84 12.67
N GLN A 502 16.52 16.91 12.93
CA GLN A 502 17.80 17.06 12.25
C GLN A 502 18.80 15.99 12.68
N LYS A 503 18.65 15.41 13.87
CA LYS A 503 19.48 14.27 14.28
C LYS A 503 19.05 12.97 13.62
N GLU A 504 17.85 12.93 13.01
CA GLU A 504 17.41 11.78 12.22
C GLU A 504 17.31 10.50 13.06
N GLY A 505 16.82 10.65 14.28
CA GLY A 505 16.47 9.49 15.06
C GLY A 505 15.39 8.65 14.38
N TYR A 506 15.50 7.34 14.56
CA TYR A 506 14.51 6.40 14.07
C TYR A 506 14.50 5.20 15.02
N LEU A 507 13.48 4.37 14.89
CA LEU A 507 13.33 3.22 15.78
C LEU A 507 13.66 1.94 15.02
N GLN A 508 14.60 1.16 15.57
CA GLN A 508 14.86 -0.19 15.11
C GLN A 508 13.89 -1.13 15.82
N ILE A 509 12.92 -1.66 15.07
CA ILE A 509 11.85 -2.49 15.60
C ILE A 509 12.16 -3.95 15.33
N GLY A 510 12.09 -4.77 16.39
CA GLY A 510 12.34 -6.18 16.25
C GLY A 510 12.40 -6.81 17.62
N ALA A 511 12.99 -8.01 17.68
CA ALA A 511 13.14 -8.70 18.95
C ALA A 511 13.85 -7.83 19.99
N ASN A 512 14.93 -7.15 19.60
CA ASN A 512 15.43 -6.02 20.35
C ASN A 512 15.04 -4.73 19.62
N THR A 513 14.37 -3.84 20.34
CA THR A 513 13.86 -2.59 19.79
C THR A 513 14.54 -1.42 20.49
N GLN A 514 15.11 -0.50 19.71
CA GLN A 514 15.76 0.66 20.31
C GLN A 514 15.98 1.74 19.27
N ALA A 515 16.15 2.95 19.76
CA ALA A 515 16.37 4.11 18.87
C ALA A 515 17.77 4.08 18.23
N ALA A 516 17.90 4.66 17.05
CA ALA A 516 19.16 4.71 16.28
C ALA A 516 19.12 6.03 15.48
N GLN A 517 20.21 6.39 14.84
CA GLN A 517 20.25 7.70 14.14
C GLN A 517 20.73 7.55 12.68
N LYS A 518 20.33 8.48 11.81
CA LYS A 518 20.79 8.54 10.39
C LYS A 518 20.49 7.32 9.49
N LEU A 519 19.23 6.90 9.45
CA LEU A 519 18.88 5.76 8.59
C LEU A 519 19.21 6.06 7.12
N LYS A 520 19.93 5.16 6.45
CA LYS A 520 20.23 5.22 4.98
C LYS A 520 20.97 6.52 4.60
N ASP A 521 21.70 7.15 5.51
CA ASP A 521 22.30 8.46 5.16
C ASP A 521 23.32 8.33 4.01
N LYS A 522 24.20 7.32 4.09
CA LYS A 522 25.25 7.10 3.06
C LYS A 522 24.62 6.75 1.72
N GLU A 523 23.57 5.94 1.77
CA GLU A 523 22.91 5.47 0.53
C GLU A 523 22.17 6.64 -0.14
N VAL A 524 21.49 7.45 0.67
CA VAL A 524 20.82 8.61 0.09
C VAL A 524 21.85 9.49 -0.63
N ALA A 525 22.99 9.74 0.03
CA ALA A 525 24.01 10.58 -0.61
C ALA A 525 24.49 9.97 -1.91
N PHE A 526 24.81 8.66 -1.90
CA PHE A 526 25.27 7.99 -3.10
C PHE A 526 24.25 8.09 -4.24
N TRP A 527 23.00 7.70 -3.98
CA TRP A 527 22.05 7.61 -5.08
C TRP A 527 21.60 8.99 -5.54
N THR A 528 21.52 9.97 -4.64
CA THR A 528 21.19 11.31 -5.07
C THR A 528 22.26 11.85 -6.01
N ASN A 529 23.54 11.65 -5.66
CA ASN A 529 24.60 12.06 -6.58
C ASN A 529 24.54 11.29 -7.90
N LEU A 530 24.26 9.99 -7.86
CA LEU A 530 24.26 9.20 -9.09
C LEU A 530 23.15 9.65 -10.03
N PHE A 531 21.93 9.82 -9.50
CA PHE A 531 20.79 10.21 -10.34
C PHE A 531 20.86 11.67 -10.80
N ALA A 532 21.78 12.47 -10.28
CA ALA A 532 22.03 13.79 -10.83
C ALA A 532 23.00 13.74 -12.00
N LYS A 533 23.34 12.53 -12.45
CA LYS A 533 24.37 12.24 -13.45
C LYS A 533 25.76 12.48 -12.85
#